data_6AGG
#
_entry.id   6AGG
#
_cell.length_a   69.786
_cell.length_b   69.786
_cell.length_c   210.822
_cell.angle_alpha   90.00
_cell.angle_beta   90.00
_cell.angle_gamma   90.00
#
_symmetry.space_group_name_H-M   'P 41 21 2'
#
loop_
_entity.id
_entity.type
_entity.pdbx_description
1 polymer 'tRNA(Ile2) 2-agmatinylcytidine synthetase TiaS'
2 non-polymer 'ZINC ION'
3 non-polymer 'PHOSPHOMETHYLPHOSPHONIC ACID ADENYLATE ESTER'
4 non-polymer AGMATINE
5 non-polymer 'ACETATE ION'
6 non-polymer 'AMMONIUM ION'
7 non-polymer 'MAGNESIUM ION'
8 water water
#
_entity_poly.entity_id   1
_entity_poly.type   'polypeptide(L)'
_entity_poly.pdbx_seq_one_letter_code
;MRVWVGIDDTDSSRGMC(TPO)TYLAVLAMERVERELGKVIGFPRLIRLNPTIPYKTRGNGAVSFLVEVDDVGELVDVVN
EVIIEHAMLDDEKTNPGAVFVDEELAVKLKPFADKAIKDVLQIDEALFVIGKYFIPHLRHKKGRGLIGALAAVGAELEDF
TLELIAYRYPERFGTEREYDEESFFDMDYELYPQTFDNVDWCNDVVVCIPNTPCPVLYGIRGESVEALYKAMESVKTEPV
DRRMIFVTNHATDMHLIGEEEVHRLENYRSYRLRGRVTLEPYDIEGGHVFFEIDTKFGSVKCAAFEPTKQFRNVIRLLRK
GDVVEVYGSMKKDTINLEKIQIVELAEIWVEKNPICPSCGRRMESAGRGQGFRCKKCRTKADEKLREKVERELQPGFYEV
PPSARRHLSKPLIRMNVEGRHIFR
;
_entity_poly.pdbx_strand_id   Z
#
loop_
_chem_comp.id
_chem_comp.type
_chem_comp.name
_chem_comp.formula
ACP non-polymer 'PHOSPHOMETHYLPHOSPHONIC ACID ADENYLATE ESTER' 'C11 H18 N5 O12 P3'
ACT non-polymer 'ACETATE ION' 'C2 H3 O2 -1'
AG2 non-polymer AGMATINE 'C5 H14 N4'
MG non-polymer 'MAGNESIUM ION' 'Mg 2'
NH4 non-polymer 'AMMONIUM ION' 'H4 N 1'
ZN non-polymer 'ZINC ION' 'Zn 2'
#
# COMPACT_ATOMS: atom_id res chain seq x y z
N MET A 1 4.17 25.25 25.77
CA MET A 1 3.54 23.95 25.88
C MET A 1 3.87 23.08 24.68
N ARG A 2 3.63 21.77 24.84
CA ARG A 2 3.76 20.81 23.75
C ARG A 2 2.48 20.81 22.92
N VAL A 3 2.63 20.94 21.60
CA VAL A 3 1.46 21.03 20.73
C VAL A 3 1.67 20.26 19.43
N TRP A 4 0.76 19.31 19.15
CA TRP A 4 0.71 18.62 17.87
C TRP A 4 0.20 19.49 16.73
N VAL A 5 1.02 19.63 15.69
CA VAL A 5 0.59 20.32 14.48
C VAL A 5 0.34 19.32 13.37
N GLY A 6 -0.81 19.42 12.74
CA GLY A 6 -1.12 18.57 11.60
C GLY A 6 -1.48 19.36 10.35
N ILE A 7 -0.94 18.92 9.21
CA ILE A 7 -1.19 19.55 7.91
C ILE A 7 -1.56 18.53 6.82
N ASP A 8 -2.45 18.89 5.91
CA ASP A 8 -2.42 18.30 4.55
C ASP A 8 -3.31 18.98 3.50
N ASP A 9 -3.46 18.31 2.36
CA ASP A 9 -4.06 18.90 1.17
C ASP A 9 -3.37 20.24 0.77
N THR A 10 -2.05 20.22 0.61
CA THR A 10 -1.28 21.44 0.37
C THR A 10 -0.68 21.48 -1.01
N ASP A 11 -0.36 20.32 -1.54
CA ASP A 11 0.27 20.21 -2.84
C ASP A 11 -0.76 20.33 -3.93
N SER A 12 -0.29 20.31 -5.17
CA SER A 12 -1.15 20.05 -6.31
C SER A 12 -0.37 19.21 -7.30
N SER A 13 -1.07 18.68 -8.29
CA SER A 13 -0.43 17.92 -9.36
C SER A 13 0.68 18.73 -10.02
N ARG A 14 0.68 20.04 -9.78
CA ARG A 14 1.63 20.95 -10.43
C ARG A 14 3.07 20.83 -9.92
N GLY A 15 3.28 20.64 -8.62
CA GLY A 15 4.62 20.42 -8.11
C GLY A 15 5.04 20.89 -6.73
N MET A 16 4.10 20.86 -5.79
CA MET A 16 4.44 21.06 -4.39
C MET A 16 4.13 19.74 -3.69
N CYS A 17 4.40 19.63 -2.39
CA CYS A 17 3.93 18.45 -1.65
C CYS A 17 3.93 18.62 -0.13
N TPO A 18 2.82 18.22 0.49
CA TPO A 18 2.75 18.12 1.94
CB TPO A 18 1.43 17.48 2.36
CG2 TPO A 18 1.08 17.64 3.84
OG1 TPO A 18 0.38 17.99 1.54
P TPO A 18 0.06 16.76 0.55
O1P TPO A 18 -0.29 17.24 -0.94
O2P TPO A 18 -1.07 16.01 1.09
O3P TPO A 18 1.34 15.80 0.47
C TPO A 18 3.93 17.25 2.34
O TPO A 18 4.18 16.20 1.72
N THR A 19 4.65 17.67 3.37
CA THR A 19 5.91 17.06 3.85
C THR A 19 7.03 18.00 3.52
N TYR A 20 7.08 18.45 2.26
CA TYR A 20 8.06 19.46 1.94
C TYR A 20 7.59 20.71 2.68
N LEU A 21 6.32 21.02 2.53
CA LEU A 21 5.75 22.16 3.20
C LEU A 21 5.94 21.99 4.72
N ALA A 22 5.76 20.75 5.17
CA ALA A 22 5.92 20.43 6.58
C ALA A 22 7.36 20.63 7.07
N VAL A 23 8.31 20.21 6.24
CA VAL A 23 9.72 20.42 6.51
C VAL A 23 10.02 21.92 6.62
N LEU A 24 9.42 22.71 5.76
CA LEU A 24 9.63 24.14 5.81
C LEU A 24 9.03 24.67 7.09
N ALA A 25 7.74 24.39 7.31
CA ALA A 25 7.10 24.82 8.55
C ALA A 25 7.93 24.42 9.77
N MET A 26 8.46 23.19 9.77
CA MET A 26 9.33 22.76 10.86
C MET A 26 10.55 23.68 10.99
N GLU A 27 11.25 23.90 9.89
CA GLU A 27 12.42 24.76 9.90
C GLU A 27 12.09 26.15 10.43
N ARG A 28 10.93 26.68 10.04
CA ARG A 28 10.58 28.03 10.45
C ARG A 28 10.19 28.07 11.93
N VAL A 29 9.60 26.98 12.41
CA VAL A 29 9.21 26.86 13.81
C VAL A 29 10.44 26.85 14.72
N GLU A 30 11.45 26.06 14.35
CA GLU A 30 12.66 25.92 15.16
C GLU A 30 13.30 27.28 15.42
N ARG A 31 13.30 28.13 14.41
CA ARG A 31 14.06 29.38 14.47
C ARG A 31 13.28 30.54 15.11
N GLU A 32 11.95 30.45 15.10
CA GLU A 32 11.15 31.52 15.67
C GLU A 32 10.60 31.20 17.06
N LEU A 33 10.09 29.98 17.23
CA LEU A 33 9.25 29.65 18.37
C LEU A 33 9.87 28.71 19.40
N GLY A 34 10.23 27.51 18.97
CA GLY A 34 10.74 26.49 19.86
C GLY A 34 11.55 25.43 19.14
N LYS A 35 11.18 24.17 19.31
CA LYS A 35 11.89 23.07 18.64
C LYS A 35 11.00 21.85 18.46
N VAL A 36 11.31 21.04 17.44
CA VAL A 36 10.50 19.87 17.11
C VAL A 36 10.90 18.67 17.94
N ILE A 37 9.94 18.14 18.70
CA ILE A 37 10.13 16.95 19.52
C ILE A 37 9.96 15.69 18.66
N GLY A 38 11.01 14.88 18.62
CA GLY A 38 10.99 13.65 17.85
C GLY A 38 10.98 13.88 16.35
N PHE A 39 10.29 13.00 15.63
CA PHE A 39 10.22 13.04 14.18
C PHE A 39 8.84 13.49 13.72
N PRO A 40 8.74 13.96 12.47
CA PRO A 40 7.38 14.21 12.00
C PRO A 40 6.76 12.88 11.62
N ARG A 41 5.46 12.85 11.36
CA ARG A 41 4.79 11.62 10.96
C ARG A 41 4.14 11.76 9.58
N LEU A 42 4.35 10.75 8.75
CA LEU A 42 3.67 10.66 7.47
C LEU A 42 2.59 9.59 7.57
N ILE A 43 1.35 10.03 7.77
CA ILE A 43 0.20 9.16 7.94
C ILE A 43 -0.61 8.94 6.65
N ARG A 44 -0.56 7.72 6.14
CA ARG A 44 -1.39 7.33 5.00
C ARG A 44 -2.85 7.14 5.42
N LEU A 45 -3.75 7.63 4.58
CA LEU A 45 -5.17 7.56 4.91
C LEU A 45 -5.88 6.70 3.89
N ASN A 46 -7.19 6.53 4.06
CA ASN A 46 -7.93 5.64 3.18
C ASN A 46 -7.54 5.89 1.72
N PRO A 47 -7.00 4.84 1.07
CA PRO A 47 -6.41 4.92 -0.28
C PRO A 47 -7.40 4.81 -1.45
N THR A 48 -8.70 4.73 -1.17
CA THR A 48 -9.68 4.59 -2.24
C THR A 48 -10.28 5.94 -2.62
N ILE A 49 -10.06 6.92 -1.74
CA ILE A 49 -10.69 8.24 -1.89
C ILE A 49 -10.24 9.00 -3.13
N PRO A 50 -11.21 9.57 -3.87
CA PRO A 50 -10.91 10.50 -4.97
C PRO A 50 -10.45 11.86 -4.45
N TYR A 51 -9.62 12.55 -5.23
CA TYR A 51 -9.02 13.83 -4.84
C TYR A 51 -7.57 13.67 -4.36
N LYS A 52 -7.03 12.47 -4.56
CA LYS A 52 -5.65 12.12 -4.22
C LYS A 52 -4.69 12.67 -5.29
N THR A 53 -4.48 11.88 -6.35
CA THR A 53 -3.56 12.24 -7.42
C THR A 53 -2.24 12.79 -6.88
N ARG A 54 -1.48 11.97 -6.18
CA ARG A 54 -1.79 10.56 -5.90
C ARG A 54 -1.43 10.28 -4.44
N GLY A 55 -1.64 9.04 -3.99
CA GLY A 55 -1.36 8.67 -2.63
C GLY A 55 -2.29 9.42 -1.71
N ASN A 56 -2.22 9.16 -0.41
CA ASN A 56 -3.10 9.88 0.52
C ASN A 56 -2.56 9.95 1.95
N GLY A 57 -1.53 10.78 2.13
CA GLY A 57 -0.90 11.00 3.42
C GLY A 57 -0.87 12.45 3.88
N ALA A 58 -1.36 12.66 5.10
CA ALA A 58 -1.23 13.91 5.81
C ALA A 58 0.03 13.87 6.68
N VAL A 59 0.44 15.03 7.21
CA VAL A 59 1.67 15.14 8.01
C VAL A 59 1.42 15.78 9.39
N SER A 60 2.14 15.32 10.41
CA SER A 60 2.06 15.95 11.73
C SER A 60 3.40 15.91 12.49
N PHE A 61 3.56 16.81 13.44
CA PHE A 61 4.78 16.86 14.24
C PHE A 61 4.56 17.56 15.58
N LEU A 62 5.27 17.11 16.62
CA LEU A 62 5.15 17.70 17.94
C LEU A 62 6.13 18.88 18.15
N VAL A 63 5.68 19.95 18.80
CA VAL A 63 6.59 21.04 19.16
C VAL A 63 6.41 21.58 20.58
N GLU A 64 7.37 22.37 21.02
CA GLU A 64 7.31 23.06 22.31
C GLU A 64 7.35 24.56 22.09
N VAL A 65 6.29 25.26 22.51
CA VAL A 65 6.22 26.72 22.33
C VAL A 65 5.55 27.41 23.52
N ASP A 66 5.70 28.72 23.59
CA ASP A 66 5.11 29.49 24.69
C ASP A 66 3.71 29.98 24.35
N ASP A 67 3.46 30.25 23.07
CA ASP A 67 2.16 30.74 22.64
C ASP A 67 1.62 29.95 21.45
N VAL A 68 0.39 29.48 21.58
CA VAL A 68 -0.22 28.68 20.51
C VAL A 68 -0.47 29.53 19.27
N GLY A 69 -0.98 30.74 19.50
CA GLY A 69 -1.34 31.67 18.42
C GLY A 69 -0.21 32.00 17.46
N GLU A 70 0.98 32.26 18.00
CA GLU A 70 2.12 32.59 17.19
C GLU A 70 2.47 31.42 16.30
N LEU A 71 2.49 30.24 16.91
CA LEU A 71 2.72 28.98 16.22
C LEU A 71 1.77 28.78 15.05
N VAL A 72 0.49 29.00 15.28
CA VAL A 72 -0.49 29.06 14.21
C VAL A 72 -0.10 30.10 13.13
N ASP A 73 0.31 31.29 13.59
CA ASP A 73 0.71 32.38 12.68
C ASP A 73 1.87 31.96 11.78
N VAL A 74 2.85 31.32 12.38
CA VAL A 74 3.99 30.80 11.66
C VAL A 74 3.60 29.75 10.62
N VAL A 75 2.90 28.70 11.04
CA VAL A 75 2.43 27.69 10.10
C VAL A 75 1.62 28.38 9.00
N ASN A 76 0.69 29.24 9.40
CA ASN A 76 -0.13 30.01 8.47
C ASN A 76 0.67 30.76 7.39
N GLU A 77 1.73 31.43 7.81
CA GLU A 77 2.59 32.13 6.87
C GLU A 77 3.24 31.16 5.86
N VAL A 78 3.80 30.07 6.38
CA VAL A 78 4.40 29.04 5.53
C VAL A 78 3.48 28.54 4.41
N ILE A 79 2.27 28.14 4.79
CA ILE A 79 1.26 27.74 3.83
C ILE A 79 1.08 28.82 2.74
N ILE A 80 0.85 30.06 3.16
CA ILE A 80 0.54 31.10 2.21
C ILE A 80 1.63 31.29 1.13
N GLU A 81 2.89 31.07 1.48
CA GLU A 81 3.95 31.25 0.49
C GLU A 81 4.26 30.01 -0.34
N HIS A 82 3.89 28.85 0.18
CA HIS A 82 4.32 27.62 -0.47
C HIS A 82 3.22 26.76 -1.04
N ALA A 83 2.03 26.88 -0.46
CA ALA A 83 0.93 26.03 -0.90
C ALA A 83 0.41 26.45 -2.27
N MET A 84 0.04 25.45 -3.06
CA MET A 84 -0.48 25.68 -4.40
C MET A 84 -1.93 26.14 -4.37
N LEU A 85 -2.17 27.31 -3.79
CA LEU A 85 -3.53 27.82 -3.62
C LEU A 85 -4.26 28.08 -4.94
N ASP A 86 -3.52 28.10 -6.04
CA ASP A 86 -4.14 28.35 -7.33
C ASP A 86 -5.05 27.21 -7.75
N ASP A 87 -4.62 25.98 -7.48
CA ASP A 87 -5.39 24.80 -7.87
C ASP A 87 -6.72 24.67 -7.15
N GLU A 88 -7.69 24.04 -7.83
CA GLU A 88 -9.04 23.91 -7.29
C GLU A 88 -9.22 22.66 -6.45
N LYS A 89 -8.34 21.69 -6.64
CA LYS A 89 -8.40 20.46 -5.86
C LYS A 89 -7.57 20.59 -4.59
N THR A 90 -6.72 21.61 -4.54
CA THR A 90 -5.91 21.88 -3.35
C THR A 90 -6.69 22.71 -2.32
N ASN A 91 -6.74 22.20 -1.09
CA ASN A 91 -7.52 22.82 -0.03
C ASN A 91 -6.93 22.63 1.36
N PRO A 92 -5.83 23.32 1.62
CA PRO A 92 -5.01 23.18 2.83
C PRO A 92 -5.80 23.25 4.12
N GLY A 93 -5.43 22.39 5.07
CA GLY A 93 -6.00 22.42 6.40
C GLY A 93 -4.88 22.25 7.40
N ALA A 94 -5.00 22.93 8.54
CA ALA A 94 -4.04 22.71 9.60
C ALA A 94 -4.67 22.80 10.98
N VAL A 95 -4.12 22.03 11.92
CA VAL A 95 -4.66 21.95 13.26
C VAL A 95 -3.55 22.00 14.28
N PHE A 96 -3.90 22.43 15.48
CA PHE A 96 -2.94 22.63 16.55
C PHE A 96 -3.53 22.11 17.83
N VAL A 97 -2.98 21.00 18.31
CA VAL A 97 -3.63 20.19 19.32
C VAL A 97 -2.74 19.93 20.52
N ASP A 98 -3.25 20.25 21.70
CA ASP A 98 -2.55 19.91 22.93
C ASP A 98 -2.20 18.42 22.93
N GLU A 99 -1.09 18.07 23.54
CA GLU A 99 -0.64 16.67 23.60
C GLU A 99 -1.70 15.71 24.14
N GLU A 100 -2.20 16.00 25.33
CA GLU A 100 -3.15 15.11 25.98
C GLU A 100 -4.55 15.20 25.38
N LEU A 101 -4.65 15.76 24.18
CA LEU A 101 -5.92 15.83 23.49
C LEU A 101 -5.87 15.04 22.19
N ALA A 102 -4.65 14.77 21.71
CA ALA A 102 -4.47 14.05 20.47
C ALA A 102 -5.04 12.64 20.59
N VAL A 103 -4.90 12.08 21.79
CA VAL A 103 -5.38 10.74 22.06
C VAL A 103 -6.88 10.65 21.80
N LYS A 104 -7.60 11.71 22.14
CA LYS A 104 -9.04 11.74 21.91
C LYS A 104 -9.36 11.72 20.43
N LEU A 105 -8.33 11.90 19.61
CA LEU A 105 -8.48 11.92 18.15
C LEU A 105 -8.22 10.56 17.47
N LYS A 106 -7.91 9.53 18.25
CA LYS A 106 -7.58 8.23 17.66
C LYS A 106 -8.70 7.61 16.81
N PRO A 107 -9.93 7.61 17.32
CA PRO A 107 -11.04 7.07 16.53
C PRO A 107 -11.24 7.81 15.20
N PHE A 108 -11.15 9.13 15.22
CA PHE A 108 -11.31 9.95 14.03
C PHE A 108 -10.30 9.55 12.96
N ALA A 109 -9.05 9.47 13.38
CA ALA A 109 -7.96 9.07 12.51
C ALA A 109 -8.27 7.73 11.90
N ASP A 110 -8.74 6.81 12.76
CA ASP A 110 -8.97 5.45 12.35
C ASP A 110 -10.07 5.37 11.30
N LYS A 111 -11.10 6.16 11.51
CA LYS A 111 -12.15 6.30 10.52
C LYS A 111 -11.64 6.94 9.22
N ALA A 112 -10.52 7.69 9.31
CA ALA A 112 -9.98 8.34 8.14
C ALA A 112 -9.16 7.37 7.32
N ILE A 113 -8.65 6.34 7.98
CA ILE A 113 -7.74 5.40 7.32
C ILE A 113 -8.51 4.24 6.74
N LYS A 114 -9.58 3.86 7.43
CA LYS A 114 -10.33 2.66 7.09
C LYS A 114 -11.66 2.99 6.44
N ASP A 115 -12.14 4.21 6.68
CA ASP A 115 -13.50 4.59 6.29
C ASP A 115 -13.52 5.88 5.46
N VAL A 116 -14.65 6.57 5.47
CA VAL A 116 -14.84 7.80 4.70
C VAL A 116 -15.45 8.90 5.57
N LEU A 117 -14.86 10.09 5.53
CA LEU A 117 -15.29 11.21 6.39
C LEU A 117 -15.87 12.39 5.63
N GLN A 118 -16.74 13.14 6.29
CA GLN A 118 -17.26 14.39 5.77
C GLN A 118 -16.57 15.54 6.47
N ILE A 119 -16.50 16.69 5.82
CA ILE A 119 -15.88 17.89 6.39
C ILE A 119 -16.64 18.34 7.63
N ASP A 120 -17.96 18.31 7.56
CA ASP A 120 -18.74 18.66 8.74
C ASP A 120 -18.36 17.85 10.00
N GLU A 121 -17.86 16.63 9.83
CA GLU A 121 -17.38 15.84 10.95
C GLU A 121 -16.12 16.44 11.57
N ALA A 122 -15.15 16.74 10.71
CA ALA A 122 -13.94 17.45 11.14
C ALA A 122 -14.31 18.77 11.85
N LEU A 123 -15.26 19.49 11.27
CA LEU A 123 -15.68 20.76 11.84
C LEU A 123 -16.35 20.56 13.19
N PHE A 124 -17.18 19.54 13.30
CA PHE A 124 -17.79 19.23 14.60
C PHE A 124 -16.74 19.04 15.69
N VAL A 125 -15.69 18.29 15.37
CA VAL A 125 -14.63 18.03 16.35
C VAL A 125 -13.88 19.30 16.76
N ILE A 126 -13.51 20.11 15.77
CA ILE A 126 -12.75 21.32 16.05
C ILE A 126 -13.51 22.23 17.02
N GLY A 127 -14.82 22.36 16.83
CA GLY A 127 -15.65 23.11 17.76
C GLY A 127 -15.83 22.39 19.08
N LYS A 128 -15.86 21.06 19.03
CA LYS A 128 -16.03 20.26 20.23
C LYS A 128 -14.86 20.47 21.17
N TYR A 129 -13.66 20.61 20.59
CA TYR A 129 -12.46 20.73 21.40
C TYR A 129 -11.73 22.06 21.27
N PHE A 130 -12.42 23.06 20.72
CA PHE A 130 -11.84 24.40 20.57
C PHE A 130 -10.40 24.31 20.05
N ILE A 131 -10.19 23.41 19.10
CA ILE A 131 -8.90 23.19 18.48
C ILE A 131 -8.56 24.34 17.54
N PRO A 132 -7.50 25.11 17.86
CA PRO A 132 -7.16 26.17 16.91
C PRO A 132 -6.83 25.54 15.57
N HIS A 133 -7.26 26.17 14.48
CA HIS A 133 -7.11 25.56 13.17
C HIS A 133 -6.94 26.58 12.04
N LEU A 134 -6.48 26.08 10.90
CA LEU A 134 -6.41 26.85 9.67
C LEU A 134 -7.15 26.13 8.55
N ARG A 135 -8.17 26.79 7.99
CA ARG A 135 -8.83 26.31 6.79
C ARG A 135 -8.66 27.39 5.77
N HIS A 136 -8.05 27.05 4.63
CA HIS A 136 -7.68 28.09 3.68
C HIS A 136 -8.65 28.30 2.53
N LYS A 137 -9.35 27.24 2.13
CA LYS A 137 -10.34 27.37 1.07
C LYS A 137 -11.54 26.54 1.43
N LYS A 138 -11.75 25.45 0.70
CA LYS A 138 -12.57 24.38 1.22
C LYS A 138 -11.69 23.82 2.33
N GLY A 139 -12.24 23.64 3.52
CA GLY A 139 -11.42 23.20 4.63
C GLY A 139 -11.22 21.69 4.62
N ARG A 140 -10.96 21.14 3.44
CA ARG A 140 -10.96 19.70 3.29
C ARG A 140 -9.72 19.09 3.91
N GLY A 141 -8.61 19.83 3.90
CA GLY A 141 -7.36 19.36 4.45
C GLY A 141 -7.44 19.14 5.94
N LEU A 142 -8.43 19.76 6.57
CA LEU A 142 -8.65 19.58 7.99
C LEU A 142 -8.85 18.12 8.45
N ILE A 143 -9.55 17.32 7.65
CA ILE A 143 -9.76 15.89 7.94
C ILE A 143 -8.43 15.14 8.10
N GLY A 144 -7.61 15.22 7.05
CA GLY A 144 -6.30 14.60 7.05
C GLY A 144 -5.42 15.11 8.18
N ALA A 145 -5.66 16.35 8.58
CA ALA A 145 -4.81 17.01 9.56
C ALA A 145 -5.15 16.51 10.96
N LEU A 146 -6.42 16.53 11.30
CA LEU A 146 -6.90 15.80 12.46
C LEU A 146 -6.37 14.37 12.43
N ALA A 147 -6.54 13.67 11.31
CA ALA A 147 -6.10 12.27 11.24
C ALA A 147 -4.61 12.13 11.49
N ALA A 148 -3.80 13.05 10.98
CA ALA A 148 -2.36 12.90 11.11
C ALA A 148 -1.98 13.06 12.57
N VAL A 149 -2.92 13.57 13.37
CA VAL A 149 -2.69 13.84 14.79
C VAL A 149 -3.25 12.73 15.70
N GLY A 150 -4.41 12.21 15.35
CA GLY A 150 -5.01 11.13 16.11
C GLY A 150 -4.37 9.76 15.93
N ALA A 151 -3.81 9.51 14.75
CA ALA A 151 -3.36 8.15 14.40
C ALA A 151 -2.46 7.52 15.44
N GLU A 152 -2.90 6.40 16.00
CA GLU A 152 -2.04 5.60 16.86
C GLU A 152 -1.29 4.60 16.01
N LEU A 153 0.01 4.50 16.22
CA LEU A 153 0.80 3.52 15.49
C LEU A 153 1.26 2.36 16.38
N GLU A 154 0.75 1.17 16.09
CA GLU A 154 1.22 -0.04 16.74
C GLU A 154 2.45 -0.49 15.97
N ASP A 155 2.22 -0.88 14.72
CA ASP A 155 3.29 -1.10 13.78
C ASP A 155 3.49 0.23 13.04
N PHE A 156 4.74 0.57 12.78
CA PHE A 156 5.07 1.78 12.06
C PHE A 156 6.32 1.48 11.24
N THR A 157 6.59 2.30 10.25
CA THR A 157 7.84 2.17 9.50
C THR A 157 8.43 3.54 9.24
N LEU A 158 9.65 3.56 8.72
CA LEU A 158 10.31 4.84 8.51
C LEU A 158 10.52 5.10 7.02
N GLU A 159 10.43 6.38 6.64
CA GLU A 159 10.84 6.77 5.30
C GLU A 159 11.76 7.98 5.34
N LEU A 160 12.91 7.82 4.73
CA LEU A 160 13.86 8.90 4.59
C LEU A 160 13.52 9.58 3.27
N ILE A 161 12.85 10.74 3.36
CA ILE A 161 12.51 11.51 2.18
C ILE A 161 13.63 12.47 1.85
N ALA A 162 14.26 12.29 0.69
CA ALA A 162 15.21 13.25 0.20
C ALA A 162 14.51 14.30 -0.70
N TYR A 163 15.01 15.52 -0.71
CA TYR A 163 14.37 16.59 -1.50
C TYR A 163 15.32 17.29 -2.47
N ARG A 164 14.78 17.66 -3.63
CA ARG A 164 15.57 18.38 -4.63
C ARG A 164 15.74 19.85 -4.26
N TYR A 165 16.77 20.47 -4.83
CA TYR A 165 16.86 21.93 -4.85
C TYR A 165 15.79 22.50 -5.77
N PRO A 166 15.12 23.59 -5.34
CA PRO A 166 14.08 24.24 -6.14
C PRO A 166 14.43 24.56 -7.62
N GLU A 167 15.64 25.01 -7.91
CA GLU A 167 16.02 25.33 -9.30
C GLU A 167 15.79 24.13 -10.20
N ARG A 168 16.02 22.95 -9.63
CA ARG A 168 15.58 21.70 -10.22
C ARG A 168 14.19 21.54 -9.66
N PHE A 169 13.30 20.95 -10.44
CA PHE A 169 11.88 20.75 -10.11
C PHE A 169 11.26 20.78 -11.48
N GLY A 170 10.35 19.87 -11.74
CA GLY A 170 9.77 19.79 -13.07
C GLY A 170 10.80 19.30 -14.06
N THR A 171 12.06 19.33 -13.65
CA THR A 171 13.12 18.74 -14.49
C THR A 171 13.21 17.26 -14.18
N GLU A 172 13.96 16.54 -15.00
CA GLU A 172 14.18 15.12 -14.80
C GLU A 172 15.21 14.88 -13.70
N ARG A 173 14.87 13.98 -12.78
CA ARG A 173 15.81 13.59 -11.73
C ARG A 173 17.04 12.92 -12.34
N GLU A 174 18.17 13.09 -11.68
CA GLU A 174 19.40 12.44 -12.08
C GLU A 174 19.87 11.55 -10.94
N TYR A 175 20.29 10.33 -11.28
CA TYR A 175 20.65 9.35 -10.26
C TYR A 175 21.37 8.12 -10.81
N ASP A 176 22.15 7.47 -9.94
CA ASP A 176 22.83 6.24 -10.28
C ASP A 176 21.99 5.04 -9.86
N GLU A 177 21.63 4.21 -10.83
CA GLU A 177 20.71 3.12 -10.59
C GLU A 177 21.32 2.00 -9.75
N GLU A 178 22.42 1.43 -10.24
CA GLU A 178 23.08 0.34 -9.53
C GLU A 178 23.31 0.75 -8.08
N SER A 179 23.76 1.99 -7.90
CA SER A 179 23.89 2.61 -6.58
C SER A 179 22.75 2.21 -5.63
N PHE A 180 21.54 2.07 -6.17
CA PHE A 180 20.36 1.76 -5.37
C PHE A 180 20.20 0.26 -5.11
N PHE A 181 20.41 -0.54 -6.15
CA PHE A 181 20.34 -1.99 -6.01
C PHE A 181 21.39 -2.45 -5.02
N ASP A 182 22.64 -2.09 -5.28
CA ASP A 182 23.74 -2.39 -4.38
C ASP A 182 23.31 -2.15 -2.94
N MET A 183 22.69 -0.99 -2.72
CA MET A 183 22.24 -0.58 -1.39
C MET A 183 21.21 -1.56 -0.81
N ASP A 184 20.24 -1.94 -1.64
CA ASP A 184 19.22 -2.90 -1.24
C ASP A 184 19.83 -4.30 -0.91
N TYR A 185 20.73 -4.77 -1.75
CA TYR A 185 21.42 -6.01 -1.45
C TYR A 185 22.08 -5.94 -0.07
N GLU A 186 22.80 -4.85 0.17
CA GLU A 186 23.54 -4.70 1.42
C GLU A 186 22.65 -4.68 2.66
N LEU A 187 21.52 -3.99 2.56
CA LEU A 187 20.72 -3.66 3.74
C LEU A 187 19.36 -4.34 3.81
N TYR A 188 18.83 -4.78 2.67
CA TYR A 188 17.55 -5.46 2.69
C TYR A 188 17.63 -6.66 3.64
N PRO A 189 16.64 -6.79 4.55
CA PRO A 189 15.37 -6.06 4.55
C PRO A 189 15.36 -4.77 5.36
N GLN A 190 16.40 -4.47 6.12
CA GLN A 190 16.40 -3.23 6.92
C GLN A 190 15.82 -2.06 6.13
N THR A 191 16.27 -1.87 4.89
CA THR A 191 15.53 -1.03 3.94
C THR A 191 14.84 -1.96 2.95
N PHE A 192 13.59 -1.67 2.65
CA PHE A 192 12.78 -2.59 1.86
C PHE A 192 11.90 -1.80 0.91
N ASP A 193 11.40 -2.47 -0.13
CA ASP A 193 10.47 -1.87 -1.09
C ASP A 193 11.00 -0.63 -1.79
N ASN A 194 12.31 -0.49 -1.83
CA ASN A 194 12.94 0.66 -2.45
C ASN A 194 13.43 0.38 -3.86
N VAL A 195 13.18 -0.83 -4.33
CA VAL A 195 13.57 -1.22 -5.67
C VAL A 195 12.89 -2.54 -6.03
N ASP A 196 12.68 -2.75 -7.33
CA ASP A 196 12.05 -3.95 -7.84
C ASP A 196 13.08 -4.70 -8.65
N TRP A 197 13.63 -5.77 -8.06
CA TRP A 197 14.65 -6.57 -8.71
C TRP A 197 14.10 -7.28 -9.96
N CYS A 198 13.06 -8.08 -9.76
CA CYS A 198 12.52 -8.90 -10.83
C CYS A 198 12.00 -8.10 -12.02
N ASN A 199 11.89 -6.78 -11.87
CA ASN A 199 11.47 -5.90 -12.97
C ASN A 199 12.48 -4.80 -13.31
N ASP A 200 13.72 -5.00 -12.87
CA ASP A 200 14.81 -4.05 -13.13
C ASP A 200 14.31 -2.61 -13.15
N VAL A 201 13.57 -2.22 -12.13
CA VAL A 201 13.04 -0.87 -12.06
C VAL A 201 13.12 -0.29 -10.65
N VAL A 202 13.86 0.81 -10.51
CA VAL A 202 13.95 1.52 -9.24
C VAL A 202 12.55 2.00 -8.86
N VAL A 203 12.29 2.08 -7.56
CA VAL A 203 10.92 2.24 -7.10
C VAL A 203 10.73 3.39 -6.11
N CYS A 204 11.81 3.82 -5.47
CA CYS A 204 11.73 4.88 -4.47
C CYS A 204 11.84 6.28 -5.10
N ILE A 205 11.76 6.32 -6.42
CA ILE A 205 11.97 7.58 -7.13
C ILE A 205 10.74 8.00 -7.93
N PRO A 206 10.11 9.11 -7.50
CA PRO A 206 8.89 9.59 -8.14
C PRO A 206 9.12 9.99 -9.60
N ASN A 207 8.05 9.95 -10.38
CA ASN A 207 8.11 10.27 -11.79
C ASN A 207 7.51 11.65 -12.02
N THR A 208 7.45 12.43 -10.95
CA THR A 208 6.56 13.58 -10.88
C THR A 208 7.27 14.91 -10.58
N PRO A 209 6.59 16.03 -10.90
CA PRO A 209 7.19 17.37 -10.82
C PRO A 209 7.22 17.98 -9.42
N CYS A 210 7.35 17.14 -8.39
CA CYS A 210 7.35 17.63 -7.01
C CYS A 210 8.78 17.72 -6.47
N PRO A 211 8.92 18.19 -5.23
CA PRO A 211 10.26 18.37 -4.65
C PRO A 211 10.96 17.08 -4.19
N VAL A 212 10.26 15.96 -4.17
CA VAL A 212 10.87 14.73 -3.68
C VAL A 212 11.87 14.13 -4.67
N LEU A 213 13.09 13.90 -4.20
CA LEU A 213 14.11 13.20 -4.98
C LEU A 213 13.89 11.69 -4.87
N TYR A 214 14.08 11.17 -3.66
CA TYR A 214 13.74 9.80 -3.35
C TYR A 214 13.16 9.72 -1.95
N GLY A 215 12.28 8.74 -1.75
CA GLY A 215 11.78 8.38 -0.44
C GLY A 215 12.13 6.93 -0.17
N ILE A 216 12.99 6.70 0.81
CA ILE A 216 13.46 5.35 1.10
C ILE A 216 12.83 4.77 2.36
N ARG A 217 12.15 3.63 2.21
CA ARG A 217 11.48 2.96 3.34
C ARG A 217 12.35 1.91 4.05
N GLY A 218 12.24 1.89 5.38
CA GLY A 218 13.13 1.09 6.20
C GLY A 218 12.64 0.89 7.62
N GLU A 219 13.54 0.45 8.50
CA GLU A 219 13.17 -0.01 9.84
C GLU A 219 13.82 0.77 10.96
N SER A 220 15.07 1.15 10.77
CA SER A 220 15.80 1.90 11.78
C SER A 220 16.33 3.19 11.19
N VAL A 221 16.72 4.10 12.06
CA VAL A 221 17.37 5.34 11.62
C VAL A 221 18.76 5.01 11.09
N GLU A 222 19.45 4.08 11.75
CA GLU A 222 20.80 3.69 11.36
C GLU A 222 20.88 3.08 9.94
N ALA A 223 19.90 2.24 9.61
CA ALA A 223 19.84 1.65 8.28
C ALA A 223 19.54 2.70 7.20
N LEU A 224 18.54 3.55 7.46
CA LEU A 224 18.20 4.63 6.53
C LEU A 224 19.40 5.53 6.24
N TYR A 225 20.11 5.94 7.28
CA TYR A 225 21.28 6.78 7.09
C TYR A 225 22.32 6.06 6.23
N LYS A 226 22.46 4.75 6.44
CA LYS A 226 23.35 3.95 5.63
C LYS A 226 22.92 3.99 4.16
N ALA A 227 21.61 3.91 3.94
CA ALA A 227 21.06 3.99 2.59
C ALA A 227 21.44 5.30 1.91
N MET A 228 21.48 6.36 2.71
CA MET A 228 21.61 7.71 2.20
C MET A 228 23.02 8.05 1.71
N GLU A 229 24.03 7.55 2.43
CA GLU A 229 25.41 7.85 2.07
C GLU A 229 25.90 6.86 1.02
N SER A 230 25.13 5.78 0.85
CA SER A 230 25.46 4.70 -0.07
C SER A 230 25.00 5.00 -1.49
N VAL A 231 23.94 5.82 -1.59
CA VAL A 231 23.32 6.13 -2.86
C VAL A 231 23.97 7.32 -3.57
N LYS A 232 23.96 7.30 -4.91
CA LYS A 232 24.51 8.40 -5.70
C LYS A 232 23.42 9.08 -6.52
N THR A 233 23.21 10.37 -6.29
CA THR A 233 22.16 11.13 -6.97
C THR A 233 22.57 12.59 -7.18
N GLU A 234 21.70 13.34 -7.87
CA GLU A 234 21.85 14.79 -7.96
C GLU A 234 21.70 15.37 -6.57
N PRO A 235 22.49 16.39 -6.26
CA PRO A 235 22.57 17.07 -4.96
C PRO A 235 21.27 17.04 -4.16
N VAL A 236 21.38 16.58 -2.92
CA VAL A 236 20.26 16.60 -1.99
C VAL A 236 20.29 17.89 -1.20
N ASP A 237 19.19 18.62 -1.24
CA ASP A 237 19.08 19.85 -0.48
C ASP A 237 18.48 19.55 0.90
N ARG A 238 17.17 19.29 0.94
CA ARG A 238 16.53 18.96 2.22
C ARG A 238 16.36 17.44 2.44
N ARG A 239 16.52 16.99 3.68
CA ARG A 239 16.21 15.59 4.00
C ARG A 239 15.47 15.46 5.32
N MET A 240 14.53 14.51 5.37
CA MET A 240 13.78 14.24 6.58
C MET A 240 13.37 12.77 6.71
N ILE A 241 13.63 12.21 7.90
CA ILE A 241 13.13 10.91 8.29
C ILE A 241 11.72 11.07 8.85
N PHE A 242 10.82 10.21 8.40
CA PHE A 242 9.44 10.21 8.85
C PHE A 242 9.05 8.86 9.47
N VAL A 243 8.39 8.90 10.61
CA VAL A 243 7.72 7.72 11.11
C VAL A 243 6.38 7.65 10.39
N THR A 244 6.05 6.47 9.86
CA THR A 244 4.89 6.30 8.96
C THR A 244 4.03 5.08 9.29
N ASN A 245 2.95 4.91 8.52
CA ASN A 245 2.15 3.68 8.58
C ASN A 245 2.21 2.93 7.25
N HIS A 246 3.16 3.32 6.41
CA HIS A 246 3.50 2.56 5.22
C HIS A 246 3.73 1.11 5.61
N ALA A 247 3.20 0.19 4.81
CA ALA A 247 3.53 -1.22 4.96
C ALA A 247 3.08 -1.85 6.29
N THR A 248 1.86 -1.55 6.71
CA THR A 248 1.36 -2.12 7.95
C THR A 248 0.00 -2.79 7.79
N ASP A 249 -0.67 -2.51 6.66
CA ASP A 249 -2.01 -3.02 6.37
C ASP A 249 -3.00 -2.46 7.36
N MET A 250 -2.73 -1.23 7.80
CA MET A 250 -3.54 -0.55 8.79
C MET A 250 -4.90 -0.21 8.24
N HIS A 251 -5.04 -0.32 6.92
CA HIS A 251 -6.28 0.04 6.23
C HIS A 251 -7.25 -1.15 6.04
N LEU A 252 -6.74 -2.36 6.21
CA LEU A 252 -7.55 -3.56 6.00
C LEU A 252 -8.57 -3.77 7.11
N ILE A 253 -9.78 -4.07 6.68
CA ILE A 253 -10.84 -4.46 7.59
C ILE A 253 -11.06 -5.99 7.55
N GLY A 254 -11.00 -6.62 8.71
CA GLY A 254 -11.36 -8.02 8.83
C GLY A 254 -12.82 -8.27 8.54
N GLU A 255 -13.10 -9.33 7.78
CA GLU A 255 -14.48 -9.75 7.51
C GLU A 255 -15.38 -9.97 8.74
N GLU A 256 -14.79 -10.40 9.87
CA GLU A 256 -15.56 -10.59 11.10
C GLU A 256 -16.08 -9.26 11.66
N GLU A 257 -15.60 -8.15 11.10
CA GLU A 257 -15.94 -6.82 11.59
C GLU A 257 -17.18 -6.20 10.96
N VAL A 258 -17.66 -6.77 9.86
CA VAL A 258 -18.65 -6.08 9.03
C VAL A 258 -19.79 -6.95 8.53
N HIS A 259 -20.94 -6.31 8.28
CA HIS A 259 -22.14 -6.99 7.80
C HIS A 259 -22.17 -7.12 6.28
N ARG A 260 -22.13 -5.97 5.59
CA ARG A 260 -22.07 -5.96 4.14
C ARG A 260 -20.68 -5.54 3.71
N LEU A 261 -20.38 -5.65 2.43
CA LEU A 261 -19.14 -5.08 1.89
C LEU A 261 -19.47 -3.79 1.18
N GLU A 262 -18.51 -2.88 1.17
CA GLU A 262 -18.73 -1.56 0.60
C GLU A 262 -17.59 -1.11 -0.31
N ASN A 263 -17.95 -0.34 -1.33
CA ASN A 263 -16.96 0.36 -2.13
C ASN A 263 -16.32 1.49 -1.32
N TYR A 264 -15.01 1.69 -1.53
CA TYR A 264 -14.23 2.68 -0.79
C TYR A 264 -13.76 2.15 0.58
N ARG A 265 -13.59 0.83 0.64
CA ARG A 265 -13.02 0.15 1.79
C ARG A 265 -12.09 -0.97 1.34
N SER A 266 -11.26 -1.44 2.26
CA SER A 266 -10.28 -2.46 1.94
C SER A 266 -10.43 -3.60 2.94
N TYR A 267 -10.17 -4.82 2.49
CA TYR A 267 -10.49 -6.00 3.29
C TYR A 267 -9.46 -7.11 3.31
N ARG A 268 -9.50 -7.88 4.40
CA ARG A 268 -8.98 -9.24 4.47
C ARG A 268 -10.16 -10.19 4.58
N LEU A 269 -10.41 -10.97 3.55
CA LEU A 269 -11.51 -11.92 3.58
C LEU A 269 -11.21 -13.31 2.96
N ARG A 270 -11.87 -14.33 3.51
CA ARG A 270 -11.68 -15.71 3.07
C ARG A 270 -12.87 -16.20 2.23
N GLY A 271 -12.56 -16.87 1.13
CA GLY A 271 -13.59 -17.40 0.26
C GLY A 271 -13.16 -18.60 -0.54
N ARG A 272 -14.13 -19.26 -1.18
CA ARG A 272 -13.84 -20.40 -2.04
C ARG A 272 -14.14 -20.00 -3.47
N VAL A 273 -13.24 -20.29 -4.39
CA VAL A 273 -13.39 -19.86 -5.77
C VAL A 273 -14.67 -20.38 -6.43
N THR A 274 -15.48 -19.48 -6.98
CA THR A 274 -16.65 -19.87 -7.74
C THR A 274 -16.30 -19.86 -9.22
N LEU A 275 -16.29 -18.66 -9.80
CA LEU A 275 -15.85 -18.48 -11.17
C LEU A 275 -14.34 -18.69 -11.24
N GLU A 276 -13.85 -19.14 -12.39
CA GLU A 276 -12.41 -19.28 -12.58
C GLU A 276 -11.81 -18.03 -13.22
N PRO A 277 -10.48 -17.85 -13.08
CA PRO A 277 -9.85 -16.64 -13.61
C PRO A 277 -10.01 -16.49 -15.11
N TYR A 278 -10.39 -15.28 -15.55
CA TYR A 278 -10.50 -14.98 -16.98
C TYR A 278 -9.86 -13.63 -17.33
N ASP A 279 -8.98 -13.65 -18.33
CA ASP A 279 -8.21 -12.46 -18.70
C ASP A 279 -9.07 -11.34 -19.31
N ILE A 280 -8.49 -10.16 -19.41
CA ILE A 280 -9.25 -8.98 -19.82
C ILE A 280 -8.43 -7.98 -20.65
N GLU A 281 -9.01 -6.80 -20.90
CA GLU A 281 -8.46 -5.79 -21.79
C GLU A 281 -6.99 -5.44 -21.55
N GLY A 282 -6.73 -4.67 -20.51
CA GLY A 282 -5.39 -4.18 -20.24
C GLY A 282 -4.39 -5.28 -19.96
N GLY A 283 -4.90 -6.42 -19.50
CA GLY A 283 -4.06 -7.53 -19.09
C GLY A 283 -4.47 -7.94 -17.69
N HIS A 284 -5.78 -8.01 -17.48
CA HIS A 284 -6.34 -8.25 -16.16
C HIS A 284 -6.84 -9.67 -16.04
N VAL A 285 -6.93 -10.14 -14.80
CA VAL A 285 -7.41 -11.49 -14.53
C VAL A 285 -8.47 -11.42 -13.44
N PHE A 286 -9.70 -11.78 -13.80
CA PHE A 286 -10.82 -11.74 -12.87
C PHE A 286 -11.16 -13.14 -12.39
N PHE A 287 -11.81 -13.20 -11.22
CA PHE A 287 -12.36 -14.46 -10.73
C PHE A 287 -13.25 -14.15 -9.54
N GLU A 288 -14.08 -15.13 -9.14
CA GLU A 288 -15.02 -14.91 -8.04
C GLU A 288 -14.94 -15.97 -6.95
N ILE A 289 -15.35 -15.60 -5.75
CA ILE A 289 -15.30 -16.50 -4.60
C ILE A 289 -16.54 -16.37 -3.71
N ASP A 290 -16.85 -17.43 -2.97
CA ASP A 290 -17.99 -17.40 -2.06
C ASP A 290 -17.55 -16.98 -0.67
N THR A 291 -18.30 -16.09 -0.05
CA THR A 291 -17.94 -15.55 1.26
C THR A 291 -19.19 -15.34 2.09
N LYS A 292 -19.00 -14.95 3.36
CA LYS A 292 -20.14 -14.75 4.23
C LYS A 292 -21.03 -13.66 3.65
N PHE A 293 -20.50 -13.00 2.62
CA PHE A 293 -21.19 -11.89 1.96
C PHE A 293 -21.62 -12.25 0.54
N GLY A 294 -21.64 -13.55 0.23
CA GLY A 294 -22.03 -14.00 -1.10
C GLY A 294 -20.91 -13.90 -2.12
N SER A 295 -21.25 -14.06 -3.40
CA SER A 295 -20.26 -14.00 -4.47
C SER A 295 -19.54 -12.65 -4.51
N VAL A 296 -18.23 -12.67 -4.75
CA VAL A 296 -17.43 -11.44 -4.74
C VAL A 296 -16.32 -11.44 -5.79
N LYS A 297 -16.26 -10.35 -6.57
CA LYS A 297 -15.30 -10.20 -7.65
C LYS A 297 -13.91 -9.79 -7.18
N CYS A 298 -12.93 -10.65 -7.42
CA CYS A 298 -11.53 -10.37 -7.11
C CYS A 298 -10.69 -10.26 -8.37
N ALA A 299 -9.88 -9.21 -8.45
CA ALA A 299 -9.10 -8.96 -9.66
C ALA A 299 -7.66 -8.62 -9.37
N ALA A 300 -6.77 -9.18 -10.19
CA ALA A 300 -5.40 -8.69 -10.28
C ALA A 300 -5.26 -7.85 -11.56
N PHE A 301 -4.97 -6.56 -11.39
CA PHE A 301 -4.84 -5.70 -12.58
C PHE A 301 -3.49 -5.87 -13.25
N GLU A 302 -3.39 -5.41 -14.49
CA GLU A 302 -2.18 -5.57 -15.29
C GLU A 302 -0.89 -5.13 -14.58
N PRO A 303 -0.93 -3.96 -13.93
CA PRO A 303 0.27 -3.45 -13.23
C PRO A 303 0.86 -4.42 -12.19
N THR A 304 0.07 -5.40 -11.74
CA THR A 304 0.61 -6.40 -10.83
C THR A 304 1.56 -7.34 -11.59
N LYS A 305 1.46 -7.31 -12.92
CA LYS A 305 2.40 -8.04 -13.78
C LYS A 305 2.42 -9.56 -13.60
N GLN A 306 3.54 -10.09 -13.12
CA GLN A 306 3.72 -11.54 -12.98
C GLN A 306 2.76 -12.12 -11.95
N PHE A 307 2.44 -11.31 -10.94
CA PHE A 307 1.50 -11.69 -9.89
C PHE A 307 0.23 -12.24 -10.50
N ARG A 308 -0.02 -11.91 -11.77
CA ARG A 308 -1.17 -12.44 -12.49
C ARG A 308 -1.00 -13.93 -12.78
N ASN A 309 0.23 -14.35 -13.02
CA ASN A 309 0.53 -15.77 -13.24
C ASN A 309 0.10 -16.62 -12.05
N VAL A 310 0.57 -16.28 -10.86
CA VAL A 310 0.18 -17.00 -9.65
C VAL A 310 -1.33 -17.09 -9.54
N ILE A 311 -2.02 -16.04 -9.95
CA ILE A 311 -3.48 -16.03 -9.90
C ILE A 311 -4.10 -17.01 -10.91
N ARG A 312 -3.71 -16.87 -12.17
CA ARG A 312 -4.26 -17.73 -13.24
C ARG A 312 -4.30 -19.21 -12.86
N LEU A 313 -3.43 -19.62 -11.94
CA LEU A 313 -3.38 -21.02 -11.49
C LEU A 313 -4.43 -21.31 -10.42
N LEU A 314 -5.62 -20.76 -10.61
CA LEU A 314 -6.73 -20.97 -9.68
C LEU A 314 -7.80 -21.86 -10.30
N ARG A 315 -8.38 -22.73 -9.47
CA ARG A 315 -9.45 -23.62 -9.91
C ARG A 315 -10.58 -23.67 -8.89
N LYS A 316 -11.81 -23.68 -9.38
CA LYS A 316 -13.01 -23.71 -8.54
C LYS A 316 -12.84 -24.60 -7.31
N GLY A 317 -13.25 -24.10 -6.15
CA GLY A 317 -13.20 -24.89 -4.92
C GLY A 317 -12.05 -24.51 -3.99
N ASP A 318 -11.04 -23.86 -4.55
CA ASP A 318 -9.87 -23.43 -3.79
C ASP A 318 -10.23 -22.54 -2.61
N VAL A 319 -9.73 -22.90 -1.42
CA VAL A 319 -9.89 -22.04 -0.24
C VAL A 319 -8.85 -20.92 -0.23
N VAL A 320 -9.31 -19.68 -0.18
CA VAL A 320 -8.39 -18.57 -0.28
C VAL A 320 -8.67 -17.39 0.67
N GLU A 321 -7.63 -16.61 0.92
CA GLU A 321 -7.73 -15.40 1.70
C GLU A 321 -7.16 -14.24 0.89
N VAL A 322 -7.98 -13.24 0.63
CA VAL A 322 -7.56 -12.13 -0.21
C VAL A 322 -7.35 -10.85 0.60
N TYR A 323 -6.52 -9.97 0.05
CA TYR A 323 -6.17 -8.67 0.67
C TYR A 323 -6.19 -7.57 -0.40
N GLY A 324 -7.10 -6.61 -0.25
CA GLY A 324 -7.18 -5.53 -1.21
C GLY A 324 -8.34 -4.57 -1.01
N SER A 325 -8.48 -3.64 -1.94
CA SER A 325 -9.51 -2.60 -1.83
C SER A 325 -10.68 -2.89 -2.76
N MET A 326 -11.87 -2.51 -2.32
CA MET A 326 -13.06 -2.64 -3.15
C MET A 326 -13.43 -1.34 -3.85
N LYS A 327 -13.27 -1.30 -5.17
CA LYS A 327 -13.78 -0.19 -5.95
C LYS A 327 -14.55 -0.71 -7.17
N LYS A 328 -15.72 -0.10 -7.40
CA LYS A 328 -16.63 -0.55 -8.44
C LYS A 328 -17.02 -2.02 -8.29
N ASP A 329 -17.23 -2.40 -7.03
CA ASP A 329 -17.75 -3.71 -6.65
C ASP A 329 -16.77 -4.85 -6.94
N THR A 330 -15.47 -4.53 -6.94
CA THR A 330 -14.44 -5.54 -7.14
C THR A 330 -13.21 -5.34 -6.24
N ILE A 331 -12.57 -6.44 -5.85
CA ILE A 331 -11.40 -6.40 -4.97
C ILE A 331 -10.10 -6.33 -5.75
N ASN A 332 -9.40 -5.20 -5.62
CA ASN A 332 -8.09 -5.06 -6.23
C ASN A 332 -7.03 -5.77 -5.39
N LEU A 333 -6.63 -6.96 -5.82
CA LEU A 333 -5.68 -7.74 -5.06
C LEU A 333 -4.34 -7.07 -4.82
N GLU A 334 -3.97 -6.96 -3.55
CA GLU A 334 -2.65 -6.51 -3.15
C GLU A 334 -1.79 -7.70 -2.73
N LYS A 335 -2.40 -8.61 -1.98
CA LYS A 335 -1.73 -9.77 -1.42
C LYS A 335 -2.68 -10.95 -1.55
N ILE A 336 -2.19 -12.17 -1.32
CA ILE A 336 -3.09 -13.33 -1.35
C ILE A 336 -2.54 -14.61 -0.69
N GLN A 337 -3.30 -15.14 0.26
CA GLN A 337 -2.97 -16.43 0.84
C GLN A 337 -3.84 -17.55 0.29
N ILE A 338 -3.21 -18.52 -0.35
CA ILE A 338 -3.90 -19.77 -0.67
C ILE A 338 -3.80 -20.66 0.54
N VAL A 339 -4.93 -20.88 1.19
CA VAL A 339 -4.97 -21.73 2.37
C VAL A 339 -4.92 -23.19 1.95
N GLU A 340 -6.09 -23.74 1.65
CA GLU A 340 -6.20 -25.11 1.20
C GLU A 340 -6.45 -25.18 -0.30
N LEU A 341 -5.63 -25.97 -0.99
CA LEU A 341 -5.81 -26.19 -2.42
C LEU A 341 -6.89 -27.26 -2.64
N ALA A 342 -7.70 -27.05 -3.66
CA ALA A 342 -8.81 -27.96 -3.93
C ALA A 342 -8.32 -29.29 -4.54
N GLU A 343 -8.62 -30.39 -3.85
CA GLU A 343 -8.32 -31.73 -4.35
C GLU A 343 -9.22 -32.10 -5.54
N ILE A 344 -8.63 -32.60 -6.62
CA ILE A 344 -9.41 -32.98 -7.80
C ILE A 344 -9.17 -34.42 -8.32
N TRP A 345 -9.98 -35.36 -7.86
CA TRP A 345 -9.91 -36.75 -8.35
C TRP A 345 -10.30 -36.84 -9.83
N VAL A 346 -9.44 -37.49 -10.61
CA VAL A 346 -9.72 -37.70 -12.03
C VAL A 346 -9.50 -39.15 -12.44
N GLU A 347 -10.46 -39.70 -13.18
CA GLU A 347 -10.37 -41.04 -13.71
C GLU A 347 -10.04 -41.02 -15.19
N LYS A 348 -8.79 -41.37 -15.52
CA LYS A 348 -8.35 -41.43 -16.91
C LYS A 348 -8.07 -42.87 -17.34
N ASN A 349 -7.74 -43.06 -18.62
CA ASN A 349 -7.43 -44.37 -19.14
C ASN A 349 -6.10 -44.90 -18.61
N PRO A 350 -5.92 -46.23 -18.61
CA PRO A 350 -4.62 -46.75 -18.19
C PRO A 350 -3.49 -46.32 -19.11
N ILE A 351 -2.36 -45.90 -18.53
CA ILE A 351 -1.13 -45.74 -19.28
C ILE A 351 -0.61 -47.11 -19.69
N CYS A 352 -0.18 -47.25 -20.94
CA CYS A 352 0.42 -48.49 -21.39
C CYS A 352 1.77 -48.71 -20.72
N PRO A 353 1.93 -49.87 -20.06
CA PRO A 353 3.09 -50.26 -19.25
C PRO A 353 4.37 -50.41 -20.09
N SER A 354 4.21 -50.73 -21.36
CA SER A 354 5.36 -50.82 -22.26
C SER A 354 5.74 -49.44 -22.85
N CYS A 355 4.91 -48.94 -23.76
CA CYS A 355 5.24 -47.74 -24.54
C CYS A 355 5.07 -46.43 -23.77
N GLY A 356 4.11 -46.39 -22.85
CA GLY A 356 3.89 -45.21 -22.03
C GLY A 356 2.71 -44.36 -22.50
N ARG A 357 2.24 -44.61 -23.71
CA ARG A 357 1.11 -43.84 -24.22
C ARG A 357 -0.21 -44.36 -23.65
N ARG A 358 -1.19 -43.47 -23.54
CA ARG A 358 -2.49 -43.81 -23.01
C ARG A 358 -3.14 -44.91 -23.83
N MET A 359 -3.76 -45.87 -23.14
CA MET A 359 -4.53 -46.91 -23.81
C MET A 359 -5.82 -46.31 -24.34
N GLU A 360 -6.19 -46.70 -25.56
CA GLU A 360 -7.44 -46.27 -26.14
C GLU A 360 -8.52 -47.25 -25.72
N SER A 361 -9.78 -46.82 -25.77
CA SER A 361 -10.90 -47.69 -25.45
C SER A 361 -10.85 -48.95 -26.31
N ALA A 362 -11.06 -50.10 -25.69
CA ALA A 362 -11.05 -51.38 -26.40
C ALA A 362 -12.41 -51.70 -27.00
N GLY A 363 -13.27 -50.69 -27.06
CA GLY A 363 -14.65 -50.90 -27.47
C GLY A 363 -15.54 -50.76 -26.26
N ARG A 364 -16.85 -50.80 -26.48
CA ARG A 364 -17.83 -50.61 -25.40
C ARG A 364 -17.33 -51.08 -24.03
N GLY A 365 -17.74 -52.28 -23.64
CA GLY A 365 -17.31 -52.84 -22.38
C GLY A 365 -16.21 -53.85 -22.58
N GLN A 366 -15.14 -53.44 -23.26
CA GLN A 366 -14.03 -54.34 -23.54
C GLN A 366 -12.76 -53.89 -22.84
N GLY A 367 -12.91 -52.95 -21.91
CA GLY A 367 -11.77 -52.38 -21.23
C GLY A 367 -10.91 -51.52 -22.13
N PHE A 368 -9.60 -51.68 -22.02
CA PHE A 368 -8.64 -50.88 -22.78
C PHE A 368 -7.47 -51.74 -23.23
N ARG A 369 -6.78 -51.27 -24.25
CA ARG A 369 -5.58 -51.95 -24.69
C ARG A 369 -4.65 -50.98 -25.38
N CYS A 370 -3.47 -51.47 -25.70
CA CYS A 370 -2.50 -50.69 -26.43
C CYS A 370 -2.09 -51.52 -27.64
N LYS A 371 -2.90 -51.43 -28.69
CA LYS A 371 -2.67 -52.14 -29.94
C LYS A 371 -1.19 -52.26 -30.31
N LYS A 372 -0.43 -51.19 -30.09
CA LYS A 372 0.99 -51.15 -30.46
C LYS A 372 1.77 -52.33 -29.84
N CYS A 373 1.33 -52.77 -28.67
CA CYS A 373 1.86 -53.98 -28.05
C CYS A 373 0.68 -54.93 -27.86
N ARG A 374 0.93 -56.12 -27.34
CA ARG A 374 -0.17 -57.02 -27.03
C ARG A 374 -0.57 -56.84 -25.57
N THR A 375 -0.63 -55.58 -25.14
CA THR A 375 -0.91 -55.27 -23.75
C THR A 375 -2.34 -54.80 -23.53
N LYS A 376 -2.87 -55.12 -22.35
CA LYS A 376 -4.26 -54.84 -22.04
C LYS A 376 -4.43 -54.48 -20.57
N ALA A 377 -5.39 -53.62 -20.31
CA ALA A 377 -5.85 -53.35 -18.94
C ALA A 377 -7.38 -53.30 -18.94
N ASP A 378 -7.98 -53.38 -17.77
CA ASP A 378 -9.44 -53.51 -17.68
C ASP A 378 -10.10 -52.39 -16.89
N GLU A 379 -9.30 -51.61 -16.17
CA GLU A 379 -9.84 -50.52 -15.36
C GLU A 379 -9.08 -49.19 -15.44
N LYS A 380 -9.76 -48.11 -15.05
CA LYS A 380 -9.19 -46.77 -15.11
C LYS A 380 -8.33 -46.44 -13.89
N LEU A 381 -7.31 -45.61 -14.08
CA LEU A 381 -6.42 -45.20 -12.99
C LEU A 381 -6.73 -43.80 -12.44
N ARG A 382 -7.22 -43.73 -11.21
CA ARG A 382 -7.54 -42.45 -10.55
C ARG A 382 -6.29 -41.78 -9.99
N GLU A 383 -6.25 -40.45 -10.03
CA GLU A 383 -5.11 -39.71 -9.53
C GLU A 383 -5.51 -38.31 -9.06
N LYS A 384 -4.61 -37.64 -8.36
CA LYS A 384 -4.81 -36.27 -7.96
C LYS A 384 -3.97 -35.37 -8.87
N VAL A 385 -4.57 -34.31 -9.39
CA VAL A 385 -3.87 -33.36 -10.25
C VAL A 385 -2.72 -32.66 -9.51
N GLU A 386 -1.67 -32.31 -10.24
CA GLU A 386 -0.50 -31.65 -9.63
C GLU A 386 -0.15 -30.32 -10.30
N ARG A 387 -0.74 -29.23 -9.83
CA ARG A 387 -0.48 -27.92 -10.41
C ARG A 387 0.67 -27.20 -9.71
N GLU A 388 1.28 -26.23 -10.41
CA GLU A 388 2.41 -25.50 -9.86
C GLU A 388 1.94 -24.44 -8.87
N LEU A 389 1.16 -24.85 -7.89
CA LEU A 389 0.73 -23.91 -6.85
C LEU A 389 0.94 -24.48 -5.45
N GLN A 390 1.87 -23.87 -4.73
CA GLN A 390 2.11 -24.20 -3.33
C GLN A 390 1.22 -23.34 -2.47
N PRO A 391 0.66 -23.92 -1.39
CA PRO A 391 -0.10 -23.11 -0.43
C PRO A 391 0.73 -21.94 0.05
N GLY A 392 0.11 -21.04 0.81
CA GLY A 392 0.86 -19.95 1.40
C GLY A 392 0.56 -18.59 0.82
N PHE A 393 1.50 -17.66 0.99
CA PHE A 393 1.29 -16.24 0.70
C PHE A 393 1.99 -15.75 -0.56
N TYR A 394 1.29 -14.91 -1.33
CA TYR A 394 1.87 -14.26 -2.50
C TYR A 394 1.48 -12.79 -2.56
N GLU A 395 2.46 -11.94 -2.88
CA GLU A 395 2.24 -10.51 -2.96
C GLU A 395 2.56 -9.99 -4.36
N VAL A 396 2.08 -8.78 -4.67
CA VAL A 396 2.40 -8.14 -5.93
C VAL A 396 3.86 -7.67 -5.86
N PRO A 397 4.45 -7.31 -7.01
CA PRO A 397 5.85 -6.91 -6.96
C PRO A 397 5.96 -5.48 -6.42
N PRO A 398 7.13 -5.13 -5.87
CA PRO A 398 7.31 -3.85 -5.18
C PRO A 398 6.89 -2.63 -6.02
N SER A 399 6.96 -2.76 -7.34
CA SER A 399 6.62 -1.64 -8.22
C SER A 399 5.11 -1.45 -8.29
N ALA A 400 4.38 -2.38 -7.68
CA ALA A 400 2.92 -2.34 -7.67
C ALA A 400 2.39 -2.16 -6.25
N ARG A 401 3.30 -2.09 -5.28
CA ARG A 401 2.91 -1.99 -3.88
C ARG A 401 2.18 -0.67 -3.57
N ARG A 402 1.14 -0.78 -2.77
CA ARG A 402 0.41 0.38 -2.30
C ARG A 402 0.94 0.79 -0.94
N HIS A 403 1.10 2.10 -0.74
CA HIS A 403 1.69 2.66 0.47
C HIS A 403 1.34 1.87 1.75
N LEU A 404 0.06 1.61 1.99
CA LEU A 404 -0.35 0.84 3.17
C LEU A 404 -0.07 -0.68 3.11
N SER A 405 -0.03 -1.24 1.90
CA SER A 405 0.16 -2.69 1.70
C SER A 405 1.35 -3.33 2.46
N LYS A 406 1.04 -4.18 3.43
CA LYS A 406 2.11 -4.82 4.20
C LYS A 406 2.80 -5.93 3.40
N PRO A 407 4.10 -5.78 3.17
CA PRO A 407 4.86 -6.74 2.36
C PRO A 407 5.24 -7.98 3.15
N LEU A 408 5.24 -9.13 2.47
CA LEU A 408 5.51 -10.41 3.09
C LEU A 408 6.72 -10.36 4.00
N ILE A 409 7.80 -9.77 3.50
CA ILE A 409 9.07 -9.76 4.22
C ILE A 409 8.91 -9.33 5.67
N ARG A 410 7.82 -8.61 5.95
CA ARG A 410 7.54 -8.10 7.29
C ARG A 410 6.53 -8.94 8.08
N MET A 411 6.01 -10.01 7.49
CA MET A 411 5.07 -10.85 8.20
C MET A 411 5.75 -12.13 8.64
N ASN A 412 5.62 -12.48 9.91
CA ASN A 412 6.31 -13.66 10.45
C ASN A 412 5.91 -14.97 9.78
N VAL A 413 4.60 -15.12 9.56
CA VAL A 413 4.00 -16.30 8.95
C VAL A 413 4.84 -17.12 7.96
N GLU A 414 4.40 -18.35 7.73
CA GLU A 414 5.10 -19.28 6.84
C GLU A 414 4.51 -19.26 5.43
N GLY A 415 5.27 -19.77 4.46
CA GLY A 415 4.77 -19.98 3.12
C GLY A 415 4.92 -18.77 2.24
N ARG A 416 5.74 -17.82 2.69
CA ARG A 416 5.91 -16.55 1.98
C ARG A 416 6.76 -16.71 0.72
N HIS A 417 6.20 -16.34 -0.41
CA HIS A 417 6.90 -16.48 -1.68
C HIS A 417 7.39 -15.14 -2.21
N ILE A 418 8.47 -14.66 -1.62
CA ILE A 418 9.09 -13.42 -2.02
C ILE A 418 9.94 -13.67 -3.24
N PHE A 419 9.58 -13.03 -4.36
CA PHE A 419 10.24 -13.28 -5.63
C PHE A 419 11.28 -12.21 -5.97
N ARG A 420 12.52 -12.65 -6.15
CA ARG A 420 13.60 -11.75 -6.53
C ARG A 420 14.54 -12.44 -7.51
ZN ZN B . 2.42 -49.83 -25.91
PG ACP C . 0.48 14.03 -2.08
O1G ACP C . 1.37 15.35 -2.00
O2G ACP C . 0.79 14.37 -3.68
O3G ACP C . 2.04 13.32 -1.81
PB ACP C . -2.79 13.38 0.12
O1B ACP C . -2.07 12.90 0.87
O2B ACP C . -3.28 12.36 -0.68
C3B ACP C . -1.23 13.74 -1.04
PA ACP C . -4.51 15.34 -0.86
O1A ACP C . -4.38 16.35 -1.77
O2A ACP C . -4.30 15.86 0.47
O3A ACP C . -3.45 14.23 -1.17
O5' ACP C . -6.15 14.73 -0.95
C5' ACP C . -6.74 14.27 0.32
C4' ACP C . -7.90 15.01 0.88
O4' ACP C . -8.86 14.08 1.24
C3' ACP C . -7.50 15.69 2.14
O3' ACP C . -8.26 16.87 2.27
C2' ACP C . -7.82 14.79 3.16
O2' ACP C . -8.03 15.48 4.41
C1' ACP C . -8.98 14.14 2.72
N9 ACP C . -9.14 12.75 3.30
C8 ACP C . -8.15 11.94 3.66
N7 ACP C . -8.70 10.78 4.10
C5 ACP C . -10.06 10.88 4.01
C6 ACP C . -11.14 9.99 4.33
N6 ACP C . -10.92 8.75 4.84
N1 ACP C . -12.40 10.45 4.09
C2 ACP C . -12.64 11.66 3.58
N3 ACP C . -11.64 12.49 3.28
C4 ACP C . -10.35 12.14 3.48
N AG2 D . 4.30 2.68 -7.15
CA AG2 D . 5.21 2.07 -6.21
CB AG2 D . 5.84 2.96 -5.20
CG AG2 D . 6.61 2.35 -4.08
CD AG2 D . 7.47 3.24 -3.25
NE AG2 D . 8.74 2.75 -2.79
CZ AG2 D . 9.57 3.59 -1.97
NH1 AG2 D . 9.20 4.81 -1.65
NH2 AG2 D . 10.72 3.13 -1.55
C ACT E . -6.90 -7.58 10.07
O ACT E . -5.71 -7.45 9.71
OXT ACT E . -7.60 -8.34 9.36
CH3 ACT E . -7.45 -6.89 11.28
C ACT F . -0.17 8.92 19.06
O ACT F . 0.59 9.90 19.21
OXT ACT F . -1.29 9.18 18.56
CH3 ACT F . 0.21 7.52 19.45
N NH4 G . -3.26 9.91 19.85
MG MG H . -2.52 17.70 -0.83
MG MG I . -2.57 14.78 2.45
#